data_1YYO
#
_entry.id   1YYO
#
_cell.length_a   84.486
_cell.length_b   61.625
_cell.length_c   131.114
_cell.angle_alpha   90.00
_cell.angle_beta   90.00
_cell.angle_gamma   90.00
#
_symmetry.space_group_name_H-M   'P 21 21 21'
#
loop_
_entity.id
_entity.type
_entity.pdbx_description
1 polymer "5'-R(*CP*GP*CP*GP*AP*AP*UP*UP*CP*GP*CP*G)-3'"
2 polymer 'Ribonuclease III'
3 non-polymer 2-AMINO-2-HYDROXYMETHYL-PROPANE-1,3-DIOL
4 water water
#
loop_
_entity_poly.entity_id
_entity_poly.type
_entity_poly.pdbx_seq_one_letter_code
_entity_poly.pdbx_strand_id
1 'polyribonucleotide' CGCGAAUUCGCG C,D,E,F
2 'polypeptide(L)'
;MKMLEQLEKKLGYTFKDKSLLEKALTHVSYSKKEHYETLEFLGDALVNFFIVDLLVQYSPNKREGFLSPLKAYLISEEFF
NLLAQKLELHKFIRIKRGKINETIIGDVFKALWAAVYIDSGRDANFTRELFYKLFKEDILSAIKEGRVKKDYKTILQEIT
QKRWKERPEYRLISVEGPHHKKKFIVEAKIKEYRTLGEGKSKKEAEQRAAEELIKLLEESE
;
A,B
#
# COMPACT_ATOMS: atom_id res chain seq x y z
N MET E 1 0.38 -4.78 -38.95
CA MET E 1 -0.27 -3.81 -38.01
C MET E 1 0.76 -3.12 -37.13
N LYS E 2 0.64 -1.79 -37.03
CA LYS E 2 1.56 -1.00 -36.22
C LYS E 2 1.68 -1.53 -34.80
N MET E 3 2.65 -1.00 -34.06
CA MET E 3 2.89 -1.41 -32.68
C MET E 3 1.63 -1.31 -31.84
N LEU E 4 1.02 -0.12 -31.83
CA LEU E 4 -0.19 0.11 -31.05
C LEU E 4 -1.26 -0.96 -31.35
N GLU E 5 -1.67 -1.03 -32.61
CA GLU E 5 -2.69 -1.99 -33.02
C GLU E 5 -2.29 -3.42 -32.69
N GLN E 6 -1.00 -3.72 -32.80
CA GLN E 6 -0.50 -5.05 -32.51
C GLN E 6 -0.66 -5.37 -31.03
N LEU E 7 -0.54 -4.35 -30.18
CA LEU E 7 -0.68 -4.53 -28.74
C LEU E 7 -2.16 -4.50 -28.38
N GLU E 8 -2.88 -3.53 -28.95
CA GLU E 8 -4.30 -3.40 -28.69
C GLU E 8 -5.01 -4.71 -28.99
N LYS E 9 -4.40 -5.51 -29.88
CA LYS E 9 -4.97 -6.80 -30.26
C LYS E 9 -4.75 -7.82 -29.15
N LYS E 10 -3.52 -7.86 -28.62
CA LYS E 10 -3.19 -8.78 -27.54
C LYS E 10 -3.94 -8.32 -26.30
N LEU E 11 -4.16 -7.01 -26.22
CA LEU E 11 -4.85 -6.40 -25.09
C LEU E 11 -6.34 -6.73 -25.09
N GLY E 12 -6.94 -6.80 -26.27
CA GLY E 12 -8.35 -7.10 -26.36
C GLY E 12 -9.19 -5.84 -26.24
N TYR E 13 -8.57 -4.71 -26.55
CA TYR E 13 -9.24 -3.41 -26.49
C TYR E 13 -8.53 -2.44 -27.42
N THR E 14 -9.30 -1.57 -28.05
CA THR E 14 -8.75 -0.57 -28.96
C THR E 14 -9.14 0.83 -28.48
N PHE E 15 -8.15 1.57 -27.99
CA PHE E 15 -8.38 2.92 -27.48
C PHE E 15 -9.02 3.84 -28.51
N LYS E 16 -9.95 4.66 -28.05
CA LYS E 16 -10.60 5.62 -28.93
C LYS E 16 -9.85 6.93 -28.77
N ASP E 17 -8.55 6.79 -28.52
CA ASP E 17 -7.64 7.91 -28.32
C ASP E 17 -6.22 7.37 -28.21
N LYS E 18 -5.52 7.36 -29.34
CA LYS E 18 -4.15 6.85 -29.38
C LYS E 18 -3.19 7.60 -28.45
N SER E 19 -3.33 8.92 -28.40
CA SER E 19 -2.49 9.76 -27.54
C SER E 19 -2.37 9.19 -26.14
N LEU E 20 -3.51 8.89 -25.55
CA LEU E 20 -3.59 8.34 -24.20
C LEU E 20 -2.76 7.06 -24.03
N LEU E 21 -2.85 6.17 -25.01
CA LEU E 21 -2.11 4.91 -24.95
C LEU E 21 -0.61 5.20 -24.98
N GLU E 22 -0.22 6.15 -25.82
CA GLU E 22 1.18 6.55 -25.95
C GLU E 22 1.72 6.96 -24.59
N LYS E 23 1.07 7.96 -23.99
CA LYS E 23 1.44 8.49 -22.68
C LYS E 23 1.71 7.40 -21.66
N ALA E 24 0.89 6.36 -21.67
CA ALA E 24 1.07 5.26 -20.73
C ALA E 24 2.19 4.32 -21.14
N LEU E 25 2.85 4.62 -22.24
CA LEU E 25 3.93 3.77 -22.74
C LEU E 25 5.30 4.44 -22.75
N THR E 26 5.33 5.74 -23.03
CA THR E 26 6.58 6.48 -23.08
C THR E 26 7.16 6.68 -21.69
N HIS E 27 8.48 6.80 -21.62
CA HIS E 27 9.17 7.01 -20.36
C HIS E 27 9.65 8.45 -20.32
N VAL E 28 9.74 9.02 -19.12
CA VAL E 28 10.18 10.39 -18.94
C VAL E 28 11.38 10.70 -19.83
N SER E 29 12.29 9.74 -19.93
CA SER E 29 13.50 9.89 -20.73
C SER E 29 13.27 9.90 -22.24
N TYR E 30 12.01 9.98 -22.65
CA TYR E 30 11.67 10.00 -24.06
C TYR E 30 10.79 11.21 -24.33
N SER E 31 10.05 11.61 -23.32
CA SER E 31 9.16 12.77 -23.41
C SER E 31 9.00 13.36 -22.02
N LYS E 32 9.57 14.54 -21.81
CA LYS E 32 9.51 15.20 -20.51
C LYS E 32 8.14 15.83 -20.28
N LYS E 33 7.43 16.15 -21.36
CA LYS E 33 6.13 16.77 -21.26
C LYS E 33 4.96 15.79 -21.26
N GLU E 34 5.17 14.59 -21.81
CA GLU E 34 4.09 13.63 -21.88
C GLU E 34 4.45 12.17 -21.59
N HIS E 35 4.70 11.85 -20.33
CA HIS E 35 5.02 10.47 -19.98
C HIS E 35 3.91 9.83 -19.16
N TYR E 36 4.22 8.74 -18.46
CA TYR E 36 3.21 8.02 -17.68
C TYR E 36 3.23 8.23 -16.17
N GLU E 37 4.00 9.18 -15.69
CA GLU E 37 4.08 9.40 -14.24
C GLU E 37 2.70 9.46 -13.58
N THR E 38 1.82 10.29 -14.11
CA THR E 38 0.49 10.42 -13.54
C THR E 38 -0.38 9.20 -13.72
N LEU E 39 -0.22 8.53 -14.87
CA LEU E 39 -1.02 7.34 -15.17
C LEU E 39 -0.62 6.16 -14.30
N GLU E 40 0.67 6.04 -13.97
CA GLU E 40 1.13 4.95 -13.12
C GLU E 40 0.53 5.13 -11.73
N PHE E 41 0.45 6.37 -11.28
CA PHE E 41 -0.10 6.68 -9.97
C PHE E 41 -1.54 6.18 -9.90
N LEU E 42 -2.31 6.42 -10.96
CA LEU E 42 -3.70 6.00 -11.00
C LEU E 42 -3.84 4.51 -11.20
N GLY E 43 -3.03 3.96 -12.11
CA GLY E 43 -3.07 2.54 -12.40
C GLY E 43 -2.78 1.65 -11.21
N ASP E 44 -1.90 2.11 -10.32
CA ASP E 44 -1.54 1.35 -9.13
C ASP E 44 -2.76 1.11 -8.26
N ALA E 45 -3.45 2.19 -7.90
CA ALA E 45 -4.64 2.07 -7.07
C ALA E 45 -5.70 1.23 -7.79
N LEU E 46 -5.77 1.40 -9.10
CA LEU E 46 -6.74 0.68 -9.92
C LEU E 46 -6.43 -0.81 -9.96
N VAL E 47 -5.20 -1.16 -10.33
CA VAL E 47 -4.80 -2.56 -10.40
C VAL E 47 -4.87 -3.22 -9.03
N ASN E 48 -4.55 -2.46 -7.98
CA ASN E 48 -4.60 -2.99 -6.64
C ASN E 48 -6.01 -3.51 -6.36
N PHE E 49 -7.00 -2.68 -6.66
CA PHE E 49 -8.39 -3.05 -6.45
C PHE E 49 -8.76 -4.32 -7.22
N PHE E 50 -8.53 -4.34 -8.53
CA PHE E 50 -8.84 -5.52 -9.33
C PHE E 50 -8.29 -6.78 -8.67
N ILE E 51 -6.99 -6.77 -8.36
CA ILE E 51 -6.33 -7.91 -7.74
C ILE E 51 -6.85 -8.29 -6.36
N VAL E 52 -7.19 -7.29 -5.55
CA VAL E 52 -7.69 -7.57 -4.21
C VAL E 52 -9.10 -8.14 -4.21
N ASP E 53 -9.96 -7.61 -5.07
CA ASP E 53 -11.33 -8.11 -5.14
C ASP E 53 -11.32 -9.56 -5.58
N LEU E 54 -10.30 -9.90 -6.35
CA LEU E 54 -10.12 -11.25 -6.87
C LEU E 54 -9.54 -12.14 -5.78
N LEU E 55 -8.63 -11.55 -4.99
CA LEU E 55 -7.98 -12.25 -3.89
C LEU E 55 -9.04 -12.70 -2.87
N VAL E 56 -9.63 -11.73 -2.18
CA VAL E 56 -10.66 -11.99 -1.16
C VAL E 56 -11.78 -12.92 -1.61
N GLN E 57 -12.04 -12.95 -2.91
CA GLN E 57 -13.12 -13.76 -3.44
C GLN E 57 -12.78 -15.24 -3.65
N TYR E 58 -11.62 -15.52 -4.21
CA TYR E 58 -11.23 -16.90 -4.50
C TYR E 58 -10.14 -17.47 -3.59
N SER E 59 -9.66 -16.69 -2.64
CA SER E 59 -8.63 -17.18 -1.74
C SER E 59 -9.27 -18.13 -0.72
N PRO E 60 -8.66 -19.31 -0.51
CA PRO E 60 -9.20 -20.28 0.46
C PRO E 60 -9.36 -19.63 1.82
N ASN E 61 -8.23 -19.37 2.47
CA ASN E 61 -8.22 -18.72 3.77
C ASN E 61 -8.53 -17.26 3.47
N LYS E 62 -9.47 -16.68 4.21
CA LYS E 62 -9.84 -15.29 4.00
C LYS E 62 -9.49 -14.45 5.21
N ARG E 63 -8.45 -14.87 5.92
CA ARG E 63 -7.99 -14.18 7.12
C ARG E 63 -6.99 -13.06 6.83
N GLU E 64 -7.10 -11.99 7.60
CA GLU E 64 -6.22 -10.84 7.45
C GLU E 64 -4.78 -11.32 7.45
N GLY E 65 -4.47 -12.25 8.35
CA GLY E 65 -3.13 -12.78 8.44
C GLY E 65 -2.60 -13.37 7.15
N PHE E 66 -3.33 -14.32 6.57
CA PHE E 66 -2.90 -14.98 5.34
C PHE E 66 -2.95 -14.10 4.09
N LEU E 67 -4.04 -13.36 3.92
CA LEU E 67 -4.20 -12.50 2.75
C LEU E 67 -3.07 -11.50 2.50
N SER E 68 -2.72 -10.73 3.53
CA SER E 68 -1.66 -9.73 3.40
C SER E 68 -0.43 -10.24 2.65
N PRO E 69 0.13 -11.39 3.06
CA PRO E 69 1.31 -11.96 2.39
C PRO E 69 1.06 -12.10 0.90
N LEU E 70 -0.05 -12.72 0.54
CA LEU E 70 -0.42 -12.89 -0.87
C LEU E 70 -0.45 -11.55 -1.58
N LYS E 71 -1.38 -10.70 -1.15
CA LYS E 71 -1.57 -9.37 -1.73
C LYS E 71 -0.25 -8.69 -2.09
N ALA E 72 0.68 -8.67 -1.13
CA ALA E 72 1.98 -8.06 -1.35
C ALA E 72 2.63 -8.63 -2.60
N TYR E 73 2.59 -9.96 -2.72
CA TYR E 73 3.17 -10.62 -3.87
C TYR E 73 2.35 -10.34 -5.13
N LEU E 74 1.04 -10.43 -5.03
CA LEU E 74 0.18 -10.20 -6.18
C LEU E 74 0.35 -8.79 -6.75
N ILE E 75 0.74 -7.83 -5.90
CA ILE E 75 0.94 -6.47 -6.38
C ILE E 75 2.44 -6.21 -6.51
N SER E 76 3.24 -7.23 -6.18
CA SER E 76 4.70 -7.13 -6.25
C SER E 76 5.10 -6.88 -7.69
N GLU E 77 6.14 -6.09 -7.90
CA GLU E 77 6.56 -5.80 -9.26
C GLU E 77 7.04 -7.04 -9.98
N GLU E 78 7.70 -7.94 -9.26
CA GLU E 78 8.19 -9.16 -9.89
C GLU E 78 7.01 -9.93 -10.47
N PHE E 79 5.88 -9.91 -9.77
CA PHE E 79 4.69 -10.62 -10.24
C PHE E 79 3.99 -9.91 -11.39
N PHE E 80 4.13 -8.59 -11.46
CA PHE E 80 3.50 -7.85 -12.54
C PHE E 80 4.21 -8.13 -13.85
N ASN E 81 5.52 -8.36 -13.79
CA ASN E 81 6.29 -8.64 -14.99
C ASN E 81 5.78 -9.90 -15.68
N LEU E 82 5.39 -10.89 -14.88
CA LEU E 82 4.85 -12.13 -15.42
C LEU E 82 3.58 -11.79 -16.19
N LEU E 83 2.75 -10.92 -15.60
CA LEU E 83 1.52 -10.51 -16.26
C LEU E 83 1.90 -9.65 -17.46
N ALA E 84 2.97 -8.88 -17.29
CA ALA E 84 3.46 -7.99 -18.35
C ALA E 84 3.93 -8.75 -19.58
N GLN E 85 4.64 -9.85 -19.37
CA GLN E 85 5.15 -10.64 -20.49
C GLN E 85 4.00 -11.33 -21.22
N LYS E 86 2.93 -11.63 -20.51
CA LYS E 86 1.78 -12.27 -21.15
C LYS E 86 1.32 -11.37 -22.29
N LEU E 87 1.66 -10.08 -22.17
CA LEU E 87 1.31 -9.09 -23.17
C LEU E 87 2.59 -8.66 -23.87
N GLU E 88 3.71 -9.17 -23.38
CA GLU E 88 5.03 -8.85 -23.93
C GLU E 88 5.10 -7.37 -24.28
N LEU E 89 4.55 -6.53 -23.41
CA LEU E 89 4.54 -5.09 -23.64
C LEU E 89 5.93 -4.49 -23.51
N HIS E 90 6.88 -5.25 -22.95
CA HIS E 90 8.24 -4.77 -22.80
C HIS E 90 8.89 -4.63 -24.17
N LYS E 91 8.05 -4.42 -25.18
CA LYS E 91 8.50 -4.27 -26.55
C LYS E 91 7.80 -3.05 -27.17
N PHE E 92 6.93 -2.41 -26.39
CA PHE E 92 6.20 -1.25 -26.87
C PHE E 92 6.50 -0.01 -26.03
N ILE E 93 7.27 -0.20 -24.97
CA ILE E 93 7.65 0.91 -24.09
C ILE E 93 8.56 1.87 -24.83
N ARG E 94 8.14 3.11 -24.97
CA ARG E 94 8.95 4.11 -25.66
C ARG E 94 10.01 4.73 -24.76
N ILE E 95 11.16 4.07 -24.68
CA ILE E 95 12.26 4.54 -23.87
C ILE E 95 13.53 4.60 -24.73
N LYS E 96 14.49 5.43 -24.35
CA LYS E 96 15.73 5.56 -25.10
C LYS E 96 16.82 4.65 -24.54
N ARG E 97 17.45 3.92 -25.43
CA ARG E 97 18.58 3.00 -25.13
C ARG E 97 18.28 1.97 -24.04
N GLY E 98 19.32 1.55 -23.31
CA GLY E 98 19.14 0.57 -22.25
C GLY E 98 19.11 1.22 -20.88
N LYS E 99 17.91 1.35 -20.34
CA LYS E 99 17.68 1.96 -19.05
C LYS E 99 16.49 1.24 -18.44
N ILE E 100 15.78 0.55 -19.32
CA ILE E 100 14.57 -0.20 -18.97
C ILE E 100 14.87 -1.42 -18.12
N ASN E 101 14.30 -1.45 -16.92
CA ASN E 101 14.49 -2.57 -16.00
C ASN E 101 13.11 -3.07 -15.57
N GLU E 102 13.08 -4.16 -14.81
CA GLU E 102 11.80 -4.72 -14.36
C GLU E 102 11.01 -3.85 -13.39
N THR E 103 11.13 -2.54 -13.52
CA THR E 103 10.40 -1.61 -12.67
C THR E 103 9.66 -0.66 -13.59
N ILE E 104 10.35 -0.24 -14.65
CA ILE E 104 9.75 0.66 -15.62
C ILE E 104 8.66 -0.11 -16.36
N ILE E 105 8.75 -1.44 -16.31
CA ILE E 105 7.79 -2.31 -16.98
C ILE E 105 6.50 -2.40 -16.16
N GLY E 106 6.65 -2.66 -14.86
CA GLY E 106 5.48 -2.77 -14.00
C GLY E 106 4.74 -1.44 -13.98
N ASP E 107 5.49 -0.35 -13.89
CA ASP E 107 4.91 0.98 -13.87
C ASP E 107 4.13 1.25 -15.15
N VAL E 108 4.64 0.76 -16.28
CA VAL E 108 3.93 0.94 -17.53
C VAL E 108 2.72 0.03 -17.53
N PHE E 109 2.83 -1.09 -16.84
CA PHE E 109 1.72 -2.04 -16.76
C PHE E 109 0.55 -1.33 -16.10
N LYS E 110 0.82 -0.70 -14.97
CA LYS E 110 -0.19 0.04 -14.22
C LYS E 110 -0.78 1.12 -15.11
N ALA E 111 0.06 2.08 -15.47
CA ALA E 111 -0.36 3.19 -16.32
C ALA E 111 -1.23 2.76 -17.49
N LEU E 112 -0.89 1.63 -18.11
CA LEU E 112 -1.65 1.14 -19.25
C LEU E 112 -3.12 1.01 -18.86
N TRP E 113 -3.38 0.21 -17.82
CA TRP E 113 -4.75 -0.01 -17.34
C TRP E 113 -5.46 1.27 -16.95
N ALA E 114 -4.72 2.25 -16.46
CA ALA E 114 -5.31 3.52 -16.10
C ALA E 114 -5.79 4.16 -17.40
N ALA E 115 -4.99 4.01 -18.44
CA ALA E 115 -5.33 4.55 -19.75
C ALA E 115 -6.60 3.85 -20.24
N VAL E 116 -6.66 2.54 -20.06
CA VAL E 116 -7.80 1.73 -20.47
C VAL E 116 -9.03 2.15 -19.67
N TYR E 117 -8.80 2.50 -18.41
CA TYR E 117 -9.87 2.94 -17.50
C TYR E 117 -10.41 4.28 -17.95
N ILE E 118 -9.53 5.25 -18.07
CA ILE E 118 -9.90 6.60 -18.49
C ILE E 118 -10.57 6.58 -19.86
N ASP E 119 -9.94 5.88 -20.80
CA ASP E 119 -10.48 5.79 -22.15
C ASP E 119 -11.91 5.28 -22.15
N SER E 120 -12.15 4.19 -21.43
CA SER E 120 -13.48 3.58 -21.33
C SER E 120 -14.47 4.57 -20.72
N GLY E 121 -14.00 5.79 -20.48
CA GLY E 121 -14.83 6.80 -19.88
C GLY E 121 -15.02 6.49 -18.42
N ARG E 122 -13.93 6.08 -17.77
CA ARG E 122 -13.98 5.75 -16.34
C ARG E 122 -14.88 4.57 -16.04
N ASP E 123 -14.89 3.56 -16.91
CA ASP E 123 -15.72 2.37 -16.69
C ASP E 123 -14.97 1.31 -15.91
N ALA E 124 -15.14 1.32 -14.59
CA ALA E 124 -14.47 0.37 -13.73
C ALA E 124 -14.88 -1.06 -14.04
N ASN E 125 -16.17 -1.34 -13.93
CA ASN E 125 -16.70 -2.68 -14.18
C ASN E 125 -16.22 -3.27 -15.50
N PHE E 126 -16.16 -2.44 -16.53
CA PHE E 126 -15.71 -2.90 -17.83
C PHE E 126 -14.23 -3.22 -17.76
N THR E 127 -13.41 -2.20 -17.51
CA THR E 127 -11.97 -2.36 -17.42
C THR E 127 -11.61 -3.53 -16.51
N ARG E 128 -12.31 -3.66 -15.39
CA ARG E 128 -12.03 -4.74 -14.45
C ARG E 128 -12.20 -6.08 -15.16
N GLU E 129 -13.33 -6.24 -15.83
CA GLU E 129 -13.61 -7.48 -16.53
C GLU E 129 -12.52 -7.76 -17.55
N LEU E 130 -12.26 -6.79 -18.42
CA LEU E 130 -11.22 -6.95 -19.44
C LEU E 130 -9.94 -7.42 -18.79
N PHE E 131 -9.69 -6.92 -17.58
CA PHE E 131 -8.49 -7.30 -16.85
C PHE E 131 -8.54 -8.79 -16.52
N TYR E 132 -9.56 -9.19 -15.76
CA TYR E 132 -9.70 -10.59 -15.38
C TYR E 132 -9.59 -11.50 -16.61
N LYS E 133 -10.34 -11.14 -17.65
CA LYS E 133 -10.34 -11.93 -18.88
C LYS E 133 -8.94 -12.26 -19.39
N LEU E 134 -7.96 -11.43 -19.03
CA LEU E 134 -6.59 -11.65 -19.46
C LEU E 134 -5.61 -12.11 -18.38
N PHE E 135 -6.00 -12.01 -17.11
CA PHE E 135 -5.10 -12.40 -16.03
C PHE E 135 -5.78 -13.15 -14.89
N LYS E 136 -7.10 -13.25 -14.94
CA LYS E 136 -7.86 -13.92 -13.90
C LYS E 136 -7.32 -15.33 -13.65
N GLU E 137 -7.19 -16.11 -14.72
CA GLU E 137 -6.69 -17.47 -14.60
C GLU E 137 -5.36 -17.49 -13.86
N ASP E 138 -4.42 -16.66 -14.34
CA ASP E 138 -3.09 -16.58 -13.74
C ASP E 138 -3.12 -16.28 -12.25
N ILE E 139 -3.75 -15.16 -11.90
CA ILE E 139 -3.84 -14.75 -10.51
C ILE E 139 -4.34 -15.90 -9.64
N LEU E 140 -5.48 -16.47 -10.02
CA LEU E 140 -6.08 -17.58 -9.28
C LEU E 140 -5.09 -18.70 -9.05
N SER E 141 -4.35 -19.05 -10.09
CA SER E 141 -3.34 -20.10 -9.98
C SER E 141 -2.34 -19.69 -8.90
N ALA E 142 -1.83 -18.47 -9.01
CA ALA E 142 -0.88 -17.94 -8.04
C ALA E 142 -1.50 -17.96 -6.65
N ILE E 143 -2.80 -17.69 -6.59
CA ILE E 143 -3.51 -17.67 -5.31
C ILE E 143 -3.63 -19.06 -4.70
N LYS E 144 -4.28 -19.96 -5.44
CA LYS E 144 -4.49 -21.34 -4.99
C LYS E 144 -3.22 -22.07 -4.54
N GLU E 145 -2.40 -22.48 -5.50
CA GLU E 145 -1.15 -23.19 -5.21
C GLU E 145 -0.30 -22.46 -4.17
N GLY E 146 -0.48 -21.15 -4.06
CA GLY E 146 0.28 -20.37 -3.11
C GLY E 146 1.54 -19.77 -3.70
N ARG E 147 2.30 -19.06 -2.88
CA ARG E 147 3.55 -18.45 -3.33
C ARG E 147 4.77 -19.28 -2.93
N VAL E 148 5.88 -19.06 -3.63
CA VAL E 148 7.13 -19.75 -3.36
C VAL E 148 8.21 -18.69 -3.17
N LYS E 149 8.24 -18.11 -1.97
CA LYS E 149 9.18 -17.04 -1.62
C LYS E 149 10.63 -17.37 -1.92
N LYS E 150 11.47 -16.35 -1.96
CA LYS E 150 12.90 -16.52 -2.25
C LYS E 150 13.71 -16.89 -1.03
N ASP E 151 14.61 -17.86 -1.19
CA ASP E 151 15.47 -18.31 -0.10
C ASP E 151 16.77 -17.52 -0.13
N TYR E 152 16.69 -16.25 0.25
CA TYR E 152 17.84 -15.37 0.26
C TYR E 152 19.00 -15.91 1.09
N LYS E 153 18.68 -16.49 2.25
CA LYS E 153 19.70 -17.03 3.13
C LYS E 153 20.58 -18.09 2.49
N THR E 154 19.99 -18.97 1.68
CA THR E 154 20.76 -20.02 1.03
C THR E 154 21.51 -19.56 -0.21
N ILE E 155 20.86 -18.73 -1.04
CA ILE E 155 21.52 -18.23 -2.24
C ILE E 155 22.73 -17.39 -1.83
N LEU E 156 22.56 -16.59 -0.79
CA LEU E 156 23.64 -15.77 -0.28
C LEU E 156 24.64 -16.73 0.40
N GLN E 157 24.08 -17.80 0.97
CA GLN E 157 24.87 -18.82 1.66
C GLN E 157 26.04 -19.30 0.81
N GLU E 158 25.90 -19.17 -0.51
CA GLU E 158 26.94 -19.59 -1.44
C GLU E 158 27.75 -18.40 -1.93
N ILE E 159 27.05 -17.33 -2.33
CA ILE E 159 27.71 -16.13 -2.81
C ILE E 159 28.93 -15.80 -1.95
N THR E 160 28.86 -16.15 -0.67
CA THR E 160 29.94 -15.89 0.26
C THR E 160 30.76 -17.13 0.57
N GLN E 161 30.12 -18.29 0.53
CA GLN E 161 30.81 -19.55 0.82
C GLN E 161 31.74 -19.89 -0.33
N LYS E 162 31.73 -19.05 -1.36
CA LYS E 162 32.59 -19.23 -2.51
C LYS E 162 33.51 -18.02 -2.63
N ARG E 163 32.91 -16.83 -2.71
CA ARG E 163 33.68 -15.59 -2.82
C ARG E 163 34.57 -15.34 -1.61
N TRP E 164 34.43 -16.17 -0.57
CA TRP E 164 35.23 -16.02 0.63
C TRP E 164 35.45 -17.33 1.39
N LYS E 165 34.79 -18.40 0.93
CA LYS E 165 34.93 -19.71 1.55
C LYS E 165 34.43 -19.72 3.00
N GLU E 166 33.71 -18.68 3.38
CA GLU E 166 33.18 -18.55 4.73
C GLU E 166 31.68 -18.28 4.71
N ARG E 167 30.98 -18.78 5.72
CA ARG E 167 29.53 -18.59 5.83
C ARG E 167 29.24 -17.25 6.52
N PRO E 168 28.06 -16.67 6.27
CA PRO E 168 27.70 -15.40 6.90
C PRO E 168 27.13 -15.64 8.30
N GLU E 169 27.30 -14.67 9.20
CA GLU E 169 26.80 -14.79 10.56
C GLU E 169 25.65 -13.82 10.81
N TYR E 170 24.63 -14.29 11.52
CA TYR E 170 23.46 -13.47 11.82
C TYR E 170 23.42 -13.13 13.31
N ARG E 171 23.31 -11.85 13.62
CA ARG E 171 23.26 -11.40 15.01
C ARG E 171 22.02 -10.57 15.31
N LEU E 172 21.22 -11.06 16.27
CA LEU E 172 19.99 -10.37 16.67
C LEU E 172 20.32 -9.01 17.27
N ILE E 173 19.53 -8.00 16.89
CA ILE E 173 19.74 -6.64 17.39
C ILE E 173 18.73 -6.24 18.46
N SER E 174 17.44 -6.44 18.19
CA SER E 174 16.42 -6.05 19.14
C SER E 174 15.02 -6.56 18.81
N VAL E 175 14.22 -6.81 19.84
CA VAL E 175 12.85 -7.28 19.67
C VAL E 175 11.91 -6.30 20.36
N GLU E 176 10.69 -6.17 19.86
CA GLU E 176 9.73 -5.24 20.44
C GLU E 176 8.28 -5.69 20.28
N GLY E 177 7.37 -4.84 20.76
CA GLY E 177 5.94 -5.11 20.65
C GLY E 177 5.40 -6.12 21.63
N PRO E 178 4.06 -6.30 21.66
CA PRO E 178 3.41 -7.25 22.56
C PRO E 178 3.86 -8.68 22.29
N HIS E 179 4.01 -9.46 23.35
CA HIS E 179 4.48 -10.83 23.22
C HIS E 179 3.60 -11.76 22.39
N HIS E 180 2.59 -11.21 21.73
CA HIS E 180 1.70 -12.01 20.88
C HIS E 180 1.82 -11.53 19.43
N LYS E 181 2.62 -10.48 19.25
CA LYS E 181 2.87 -9.90 17.94
C LYS E 181 4.20 -9.15 18.04
N LYS E 182 5.27 -9.93 18.17
CA LYS E 182 6.62 -9.39 18.32
C LYS E 182 7.28 -9.01 17.00
N LYS E 183 8.23 -8.08 17.08
CA LYS E 183 8.94 -7.58 15.91
C LYS E 183 10.45 -7.74 16.10
N PHE E 184 11.01 -8.75 15.43
CA PHE E 184 12.43 -9.04 15.48
C PHE E 184 13.23 -8.22 14.46
N ILE E 185 14.39 -7.74 14.88
CA ILE E 185 15.27 -6.95 14.02
C ILE E 185 16.65 -7.59 14.15
N VAL E 186 17.00 -8.45 13.20
CA VAL E 186 18.28 -9.13 13.23
C VAL E 186 19.29 -8.51 12.26
N GLU E 187 20.57 -8.77 12.50
CA GLU E 187 21.63 -8.23 11.65
C GLU E 187 22.31 -9.35 10.86
N ALA E 188 22.77 -9.03 9.66
CA ALA E 188 23.44 -10.02 8.82
C ALA E 188 24.83 -9.52 8.46
N LYS E 189 25.85 -10.25 8.90
CA LYS E 189 27.23 -9.86 8.62
C LYS E 189 27.97 -10.83 7.71
N ILE E 190 28.83 -10.27 6.87
CA ILE E 190 29.64 -11.07 5.95
C ILE E 190 31.00 -10.41 5.75
N LYS E 191 32.05 -11.11 6.19
CA LYS E 191 33.42 -10.60 6.06
C LYS E 191 33.56 -9.28 6.82
N GLU E 192 33.21 -8.17 6.16
CA GLU E 192 33.30 -6.85 6.77
C GLU E 192 32.06 -6.00 6.51
N TYR E 193 31.13 -6.52 5.70
CA TYR E 193 29.91 -5.80 5.38
C TYR E 193 28.75 -6.22 6.28
N ARG E 194 27.83 -5.30 6.53
CA ARG E 194 26.69 -5.60 7.40
C ARG E 194 25.39 -4.92 6.96
N THR E 195 24.27 -5.53 7.31
CA THR E 195 22.94 -5.01 6.98
C THR E 195 21.91 -5.51 7.99
N LEU E 196 20.75 -4.84 8.04
CA LEU E 196 19.71 -5.23 8.97
C LEU E 196 18.48 -5.80 8.30
N GLY E 197 17.51 -6.22 9.11
CA GLY E 197 16.28 -6.77 8.59
C GLY E 197 15.23 -6.85 9.68
N GLU E 198 13.98 -6.54 9.32
CA GLU E 198 12.88 -6.57 10.27
C GLU E 198 11.88 -7.66 9.91
N GLY E 199 11.08 -8.08 10.87
CA GLY E 199 10.10 -9.12 10.62
C GLY E 199 9.45 -9.63 11.88
N LYS E 200 8.42 -10.47 11.74
CA LYS E 200 7.70 -11.02 12.89
C LYS E 200 8.28 -12.33 13.41
N SER E 201 9.42 -12.72 12.87
CA SER E 201 10.10 -13.94 13.29
C SER E 201 11.58 -13.84 13.01
N LYS E 202 12.39 -14.42 13.88
CA LYS E 202 13.84 -14.39 13.70
C LYS E 202 14.27 -14.81 12.30
N LYS E 203 13.53 -15.74 11.70
CA LYS E 203 13.86 -16.21 10.37
C LYS E 203 13.46 -15.20 9.30
N GLU E 204 12.19 -14.81 9.30
CA GLU E 204 11.71 -13.84 8.32
C GLU E 204 12.58 -12.61 8.34
N ALA E 205 13.10 -12.27 9.52
CA ALA E 205 13.96 -11.12 9.67
C ALA E 205 15.31 -11.39 9.00
N GLU E 206 15.86 -12.58 9.27
CA GLU E 206 17.15 -12.97 8.71
C GLU E 206 17.04 -13.08 7.19
N GLN E 207 15.83 -13.24 6.71
CA GLN E 207 15.56 -13.36 5.28
C GLN E 207 15.57 -11.95 4.67
N ARG E 208 14.92 -11.01 5.34
CA ARG E 208 14.86 -9.62 4.88
C ARG E 208 16.26 -9.00 4.88
N ALA E 209 17.03 -9.34 5.90
CA ALA E 209 18.38 -8.83 6.05
C ALA E 209 19.33 -9.47 5.06
N ALA E 210 19.21 -10.78 4.89
CA ALA E 210 20.06 -11.50 3.95
C ALA E 210 19.85 -10.93 2.55
N GLU E 211 18.66 -10.38 2.33
CA GLU E 211 18.31 -9.80 1.04
C GLU E 211 19.19 -8.61 0.69
N GLU E 212 19.12 -7.56 1.51
CA GLU E 212 19.91 -6.35 1.28
C GLU E 212 21.39 -6.70 1.17
N LEU E 213 21.90 -7.49 2.11
CA LEU E 213 23.30 -7.88 2.13
C LEU E 213 23.74 -8.43 0.78
N ILE E 214 22.77 -8.80 -0.05
CA ILE E 214 23.04 -9.33 -1.38
C ILE E 214 22.99 -8.16 -2.35
N LYS E 215 21.90 -7.41 -2.31
CA LYS E 215 21.73 -6.25 -3.18
C LYS E 215 22.56 -5.09 -2.65
N LEU E 216 23.79 -5.40 -2.26
CA LEU E 216 24.74 -4.42 -1.74
C LEU E 216 26.13 -5.02 -1.88
N LEU E 217 26.21 -6.34 -1.74
CA LEU E 217 27.48 -7.06 -1.85
C LEU E 217 27.87 -7.09 -3.33
N GLU E 218 26.87 -7.27 -4.19
CA GLU E 218 27.10 -7.31 -5.63
C GLU E 218 27.24 -5.89 -6.15
N GLU E 219 27.55 -4.99 -5.24
CA GLU E 219 27.74 -3.58 -5.55
C GLU E 219 29.20 -3.20 -5.32
N SER E 220 29.87 -3.99 -4.48
CA SER E 220 31.27 -3.76 -4.15
C SER E 220 32.06 -5.05 -4.25
N LYS F 2 -33.84 -1.37 14.96
CA LYS F 2 -34.24 -0.91 13.59
C LYS F 2 -33.21 0.07 13.04
N MET F 3 -32.11 0.22 13.76
CA MET F 3 -31.03 1.13 13.33
C MET F 3 -30.51 0.68 11.98
N LEU F 4 -30.74 -0.59 11.66
CA LEU F 4 -30.29 -1.17 10.41
C LEU F 4 -30.87 -0.37 9.24
N GLU F 5 -32.17 -0.08 9.31
CA GLU F 5 -32.83 0.67 8.25
C GLU F 5 -32.94 2.14 8.65
N GLN F 6 -31.79 2.73 8.99
CA GLN F 6 -31.70 4.13 9.38
C GLN F 6 -30.40 4.62 8.77
N LEU F 7 -29.39 3.77 8.86
CA LEU F 7 -28.07 4.06 8.33
C LEU F 7 -28.14 3.98 6.81
N GLU F 8 -29.03 3.12 6.30
CA GLU F 8 -29.20 2.96 4.87
C GLU F 8 -29.79 4.24 4.29
N LYS F 9 -30.82 4.75 4.95
CA LYS F 9 -31.50 5.96 4.53
C LYS F 9 -30.60 7.17 4.80
N LYS F 10 -29.34 6.88 5.13
CA LYS F 10 -28.36 7.91 5.43
C LYS F 10 -27.25 7.79 4.39
N LEU F 11 -27.15 6.61 3.78
CA LEU F 11 -26.15 6.33 2.75
C LEU F 11 -26.74 6.61 1.38
N GLY F 12 -27.99 6.23 1.19
CA GLY F 12 -28.65 6.42 -0.08
C GLY F 12 -28.65 5.11 -0.82
N TYR F 13 -28.67 4.03 -0.05
CA TYR F 13 -28.67 2.68 -0.59
C TYR F 13 -29.39 1.76 0.39
N THR F 14 -29.93 0.66 -0.13
CA THR F 14 -30.62 -0.31 0.71
C THR F 14 -30.10 -1.71 0.40
N PHE F 15 -29.45 -2.31 1.39
CA PHE F 15 -28.89 -3.65 1.25
C PHE F 15 -29.92 -4.74 1.00
N LYS F 16 -29.73 -5.49 -0.08
CA LYS F 16 -30.62 -6.60 -0.41
C LYS F 16 -30.34 -7.73 0.57
N ASP F 17 -29.17 -7.66 1.20
CA ASP F 17 -28.74 -8.66 2.18
C ASP F 17 -28.37 -7.99 3.50
N LYS F 18 -29.34 -7.87 4.40
CA LYS F 18 -29.12 -7.22 5.69
C LYS F 18 -28.00 -7.86 6.51
N SER F 19 -27.91 -9.18 6.47
CA SER F 19 -26.86 -9.89 7.22
C SER F 19 -25.48 -9.40 6.81
N LEU F 20 -25.34 -9.03 5.54
CA LEU F 20 -24.07 -8.54 5.01
C LEU F 20 -23.75 -7.17 5.62
N LEU F 21 -24.73 -6.27 5.60
CA LEU F 21 -24.56 -4.94 6.14
C LEU F 21 -24.13 -5.06 7.60
N GLU F 22 -24.95 -5.74 8.40
CA GLU F 22 -24.65 -5.95 9.80
C GLU F 22 -23.23 -6.47 9.98
N LYS F 23 -22.89 -7.50 9.21
CA LYS F 23 -21.57 -8.12 9.26
C LYS F 23 -20.43 -7.11 9.12
N ALA F 24 -20.60 -6.14 8.23
CA ALA F 24 -19.58 -5.12 8.02
C ALA F 24 -19.55 -4.13 9.18
N LEU F 25 -20.49 -4.26 10.11
CA LEU F 25 -20.57 -3.39 11.28
C LEU F 25 -20.28 -4.15 12.56
N THR F 26 -20.04 -5.45 12.43
CA THR F 26 -19.78 -6.30 13.59
C THR F 26 -18.29 -6.48 13.87
N HIS F 27 -17.89 -6.14 15.09
CA HIS F 27 -16.50 -6.29 15.51
C HIS F 27 -16.32 -7.70 16.03
N VAL F 28 -15.14 -8.27 15.76
CA VAL F 28 -14.85 -9.63 16.19
C VAL F 28 -15.19 -9.86 17.66
N SER F 29 -15.12 -8.80 18.46
CA SER F 29 -15.41 -8.89 19.89
C SER F 29 -16.91 -8.85 20.15
N TYR F 30 -17.68 -9.39 19.21
CA TYR F 30 -19.13 -9.41 19.33
C TYR F 30 -19.64 -10.69 18.67
N SER F 31 -18.89 -11.16 17.69
CA SER F 31 -19.24 -12.39 16.97
C SER F 31 -18.00 -12.92 16.29
N LYS F 32 -17.28 -13.81 16.98
CA LYS F 32 -16.02 -14.34 16.42
C LYS F 32 -16.15 -15.08 15.09
N LYS F 33 -17.37 -15.30 14.63
CA LYS F 33 -17.59 -16.00 13.37
C LYS F 33 -17.97 -15.10 12.20
N GLU F 34 -18.54 -13.93 12.49
CA GLU F 34 -18.93 -13.01 11.44
C GLU F 34 -18.58 -11.55 11.72
N HIS F 35 -17.31 -11.19 11.58
CA HIS F 35 -16.88 -9.82 11.83
C HIS F 35 -16.30 -9.18 10.56
N TYR F 36 -16.23 -7.86 10.56
CA TYR F 36 -15.77 -7.06 9.44
C TYR F 36 -14.32 -7.20 8.99
N GLU F 37 -13.57 -8.15 9.54
CA GLU F 37 -12.17 -8.29 9.14
C GLU F 37 -12.00 -8.47 7.64
N THR F 38 -12.54 -9.55 7.09
CA THR F 38 -12.41 -9.82 5.66
C THR F 38 -12.82 -8.63 4.80
N LEU F 39 -13.92 -7.98 5.17
CA LEU F 39 -14.42 -6.83 4.43
C LEU F 39 -13.49 -5.61 4.51
N GLU F 40 -12.99 -5.31 5.70
CA GLU F 40 -12.08 -4.19 5.87
C GLU F 40 -10.95 -4.32 4.87
N PHE F 41 -10.53 -5.56 4.63
CA PHE F 41 -9.43 -5.81 3.69
C PHE F 41 -9.81 -5.39 2.28
N LEU F 42 -11.03 -5.71 1.86
CA LEU F 42 -11.49 -5.35 0.53
C LEU F 42 -11.84 -3.88 0.45
N GLY F 43 -12.33 -3.33 1.57
CA GLY F 43 -12.68 -1.93 1.62
C GLY F 43 -11.48 -1.04 1.39
N ASP F 44 -10.39 -1.35 2.08
CA ASP F 44 -9.16 -0.58 1.95
C ASP F 44 -8.83 -0.40 0.47
N ALA F 45 -8.67 -1.52 -0.24
CA ALA F 45 -8.35 -1.50 -1.66
C ALA F 45 -9.36 -0.67 -2.45
N LEU F 46 -10.63 -0.85 -2.13
CA LEU F 46 -11.71 -0.12 -2.80
C LEU F 46 -11.57 1.38 -2.59
N VAL F 47 -11.91 1.84 -1.39
CA VAL F 47 -11.85 3.26 -1.06
C VAL F 47 -10.57 3.94 -1.55
N ASN F 48 -9.44 3.25 -1.46
CA ASN F 48 -8.18 3.84 -1.91
C ASN F 48 -8.32 4.22 -3.38
N PHE F 49 -8.91 3.32 -4.15
CA PHE F 49 -9.13 3.55 -5.58
C PHE F 49 -10.10 4.71 -5.83
N PHE F 50 -11.18 4.80 -5.05
CA PHE F 50 -12.15 5.88 -5.19
C PHE F 50 -11.51 7.25 -4.94
N ILE F 51 -10.56 7.29 -4.00
CA ILE F 51 -9.89 8.54 -3.65
C ILE F 51 -8.82 8.93 -4.66
N VAL F 52 -7.89 8.00 -4.92
CA VAL F 52 -6.80 8.26 -5.86
C VAL F 52 -7.33 8.75 -7.20
N ASP F 53 -8.41 8.13 -7.67
CA ASP F 53 -8.99 8.53 -8.94
C ASP F 53 -9.51 9.95 -8.83
N LEU F 54 -9.91 10.34 -7.63
CA LEU F 54 -10.43 11.67 -7.40
C LEU F 54 -9.29 12.67 -7.23
N LEU F 55 -8.16 12.17 -6.74
CA LEU F 55 -6.99 13.02 -6.53
C LEU F 55 -6.28 13.36 -7.84
N VAL F 56 -5.99 12.36 -8.67
CA VAL F 56 -5.32 12.62 -9.94
C VAL F 56 -6.21 13.41 -10.89
N GLN F 57 -7.47 13.56 -10.50
CA GLN F 57 -8.44 14.25 -11.33
C GLN F 57 -8.64 15.73 -10.96
N TYR F 58 -8.67 16.03 -9.66
CA TYR F 58 -8.89 17.40 -9.21
C TYR F 58 -7.68 18.11 -8.62
N SER F 59 -6.52 17.48 -8.68
CA SER F 59 -5.31 18.08 -8.14
C SER F 59 -4.72 19.07 -9.11
N PRO F 60 -4.26 20.22 -8.61
CA PRO F 60 -3.66 21.27 -9.45
C PRO F 60 -2.32 20.85 -10.06
N ASN F 61 -1.67 19.88 -9.41
CA ASN F 61 -0.38 19.40 -9.88
C ASN F 61 -0.49 17.89 -10.05
N LYS F 62 0.06 17.35 -11.13
CA LYS F 62 -0.06 15.93 -11.37
C LYS F 62 1.20 15.10 -11.13
N ARG F 63 2.27 15.73 -10.64
CA ARG F 63 3.51 14.99 -10.39
C ARG F 63 3.42 14.17 -9.11
N GLU F 64 3.87 12.92 -9.19
CA GLU F 64 3.84 12.00 -8.07
C GLU F 64 4.31 12.64 -6.76
N GLY F 65 5.43 13.34 -6.81
CA GLY F 65 5.97 13.98 -5.62
C GLY F 65 5.02 14.98 -4.97
N PHE F 66 4.02 15.40 -5.71
CA PHE F 66 3.04 16.35 -5.20
C PHE F 66 1.76 15.63 -4.78
N LEU F 67 1.48 14.51 -5.43
CA LEU F 67 0.28 13.72 -5.14
C LEU F 67 0.42 12.81 -3.94
N SER F 68 1.54 12.12 -3.84
CA SER F 68 1.81 11.20 -2.73
C SER F 68 1.48 11.83 -1.39
N PRO F 69 2.12 12.96 -1.06
CA PRO F 69 1.86 13.61 0.22
C PRO F 69 0.38 13.84 0.50
N LEU F 70 -0.36 14.26 -0.52
CA LEU F 70 -1.80 14.48 -0.37
C LEU F 70 -2.53 13.16 -0.11
N LYS F 71 -2.24 12.16 -0.94
CA LYS F 71 -2.87 10.85 -0.83
C LYS F 71 -2.69 10.27 0.56
N ALA F 72 -1.52 10.50 1.14
CA ALA F 72 -1.22 9.99 2.47
C ALA F 72 -2.32 10.47 3.43
N TYR F 73 -2.69 11.74 3.30
CA TYR F 73 -3.72 12.29 4.16
C TYR F 73 -5.08 11.73 3.79
N LEU F 74 -5.41 11.82 2.52
CA LEU F 74 -6.69 11.36 2.01
C LEU F 74 -7.05 9.93 2.39
N ILE F 75 -6.05 9.05 2.50
CA ILE F 75 -6.34 7.67 2.87
C ILE F 75 -5.93 7.38 4.31
N SER F 76 -5.63 8.41 5.07
CA SER F 76 -5.23 8.25 6.46
C SER F 76 -6.43 8.03 7.38
N GLU F 77 -6.17 7.32 8.48
CA GLU F 77 -7.19 7.01 9.48
C GLU F 77 -7.93 8.24 9.98
N GLU F 78 -7.19 9.33 10.20
CA GLU F 78 -7.78 10.57 10.68
C GLU F 78 -8.91 10.99 9.75
N PHE F 79 -8.66 10.89 8.46
CA PHE F 79 -9.63 11.29 7.45
C PHE F 79 -10.83 10.35 7.34
N PHE F 80 -10.57 9.05 7.44
CA PHE F 80 -11.66 8.11 7.33
C PHE F 80 -12.64 8.31 8.47
N ASN F 81 -12.14 8.78 9.61
CA ASN F 81 -13.01 9.05 10.74
C ASN F 81 -13.83 10.29 10.42
N LEU F 82 -13.20 11.24 9.74
CA LEU F 82 -13.87 12.46 9.34
C LEU F 82 -15.11 12.08 8.53
N LEU F 83 -14.88 11.38 7.42
CA LEU F 83 -15.95 10.93 6.54
C LEU F 83 -16.95 10.05 7.27
N ALA F 84 -16.44 9.09 8.05
CA ALA F 84 -17.31 8.19 8.79
C ALA F 84 -18.18 8.98 9.75
N GLN F 85 -17.62 10.04 10.32
CA GLN F 85 -18.36 10.88 11.25
C GLN F 85 -19.62 11.44 10.61
N LYS F 86 -19.51 11.82 9.34
CA LYS F 86 -20.64 12.37 8.60
C LYS F 86 -21.81 11.39 8.67
N LEU F 87 -21.51 10.11 8.56
CA LEU F 87 -22.52 9.06 8.61
C LEU F 87 -22.97 8.77 10.04
N GLU F 88 -22.25 9.32 11.01
CA GLU F 88 -22.58 9.12 12.42
C GLU F 88 -22.32 7.63 12.69
N LEU F 89 -21.47 7.06 11.84
CA LEU F 89 -21.10 5.65 11.87
C LEU F 89 -20.87 5.00 13.24
N HIS F 90 -20.05 5.64 14.08
CA HIS F 90 -19.73 5.08 15.39
C HIS F 90 -20.95 4.54 16.14
N LYS F 91 -22.05 5.28 16.15
CA LYS F 91 -23.23 4.83 16.88
C LYS F 91 -24.01 3.74 16.14
N PHE F 92 -23.36 3.11 15.16
CA PHE F 92 -24.01 2.03 14.40
C PHE F 92 -23.20 0.74 14.49
N ILE F 93 -22.09 0.78 15.22
CA ILE F 93 -21.22 -0.39 15.36
C ILE F 93 -21.61 -1.31 16.51
N ARG F 94 -21.46 -2.60 16.28
CA ARG F 94 -21.78 -3.62 17.27
C ARG F 94 -20.47 -4.16 17.84
N ILE F 95 -20.09 -3.66 19.02
CA ILE F 95 -18.85 -4.08 19.65
C ILE F 95 -18.99 -4.09 21.17
N LYS F 96 -18.13 -4.87 21.83
CA LYS F 96 -18.13 -5.00 23.27
C LYS F 96 -17.91 -3.62 23.91
N ARG F 97 -18.64 -3.33 24.99
CA ARG F 97 -18.51 -2.04 25.67
C ARG F 97 -17.06 -1.66 25.96
N GLY F 98 -16.65 -0.50 25.47
CA GLY F 98 -15.30 -0.02 25.74
C GLY F 98 -14.12 -0.48 24.89
N LYS F 99 -14.37 -0.97 23.68
CA LYS F 99 -13.27 -1.41 22.83
C LYS F 99 -13.17 -0.53 21.59
N ILE F 100 -14.25 0.19 21.28
CA ILE F 100 -14.31 1.06 20.11
C ILE F 100 -13.32 2.22 20.13
N ASN F 101 -12.80 2.56 18.96
CA ASN F 101 -11.84 3.64 18.81
C ASN F 101 -11.84 4.15 17.37
N GLU F 102 -10.88 5.02 17.06
CA GLU F 102 -10.77 5.59 15.72
C GLU F 102 -10.31 4.56 14.69
N THR F 103 -9.42 3.67 15.08
CA THR F 103 -8.93 2.67 14.15
C THR F 103 -10.05 1.70 13.75
N ILE F 104 -10.88 1.31 14.70
CA ILE F 104 -11.98 0.41 14.41
C ILE F 104 -12.99 1.11 13.51
N ILE F 105 -13.37 2.33 13.88
CA ILE F 105 -14.31 3.10 13.08
C ILE F 105 -13.81 3.10 11.65
N GLY F 106 -12.61 3.64 11.44
CA GLY F 106 -12.03 3.69 10.12
C GLY F 106 -12.17 2.36 9.41
N ASP F 107 -11.78 1.28 10.09
CA ASP F 107 -11.89 -0.06 9.52
C ASP F 107 -13.32 -0.31 9.06
N VAL F 108 -14.26 -0.18 10.01
CA VAL F 108 -15.67 -0.39 9.71
C VAL F 108 -16.09 0.44 8.51
N PHE F 109 -15.60 1.68 8.45
CA PHE F 109 -15.94 2.56 7.34
C PHE F 109 -15.58 1.89 6.01
N LYS F 110 -14.40 1.29 5.96
CA LYS F 110 -13.92 0.62 4.76
C LYS F 110 -14.79 -0.60 4.44
N ALA F 111 -14.91 -1.49 5.42
CA ALA F 111 -15.70 -2.70 5.24
C ALA F 111 -17.12 -2.36 4.81
N LEU F 112 -17.60 -1.19 5.23
CA LEU F 112 -18.95 -0.77 4.87
C LEU F 112 -19.12 -0.69 3.36
N TRP F 113 -18.15 -0.06 2.70
CA TRP F 113 -18.19 0.08 1.24
C TRP F 113 -17.85 -1.21 0.51
N ALA F 114 -17.05 -2.05 1.18
CA ALA F 114 -16.76 -3.33 0.58
C ALA F 114 -18.09 -4.07 0.51
N ALA F 115 -18.96 -3.77 1.49
CA ALA F 115 -20.28 -4.38 1.58
C ALA F 115 -21.15 -3.94 0.41
N VAL F 116 -21.35 -2.63 0.29
CA VAL F 116 -22.15 -2.08 -0.81
C VAL F 116 -21.69 -2.66 -2.14
N TYR F 117 -20.39 -2.52 -2.42
CA TYR F 117 -19.81 -3.03 -3.66
C TYR F 117 -20.32 -4.45 -3.95
N ILE F 118 -20.12 -5.34 -2.99
CA ILE F 118 -20.54 -6.73 -3.11
C ILE F 118 -22.07 -6.88 -3.19
N ASP F 119 -22.76 -6.29 -2.23
CA ASP F 119 -24.22 -6.36 -2.18
C ASP F 119 -24.93 -5.77 -3.40
N SER F 120 -24.17 -5.14 -4.29
CA SER F 120 -24.76 -4.56 -5.48
C SER F 120 -24.31 -5.36 -6.69
N GLY F 121 -23.75 -6.54 -6.43
CA GLY F 121 -23.28 -7.39 -7.50
C GLY F 121 -21.91 -6.96 -7.97
N ARG F 122 -21.13 -6.37 -7.08
CA ARG F 122 -19.79 -5.89 -7.40
C ARG F 122 -19.80 -4.90 -8.56
N ASP F 123 -20.67 -3.89 -8.45
CA ASP F 123 -20.77 -2.87 -9.47
C ASP F 123 -19.89 -1.68 -9.06
N ALA F 124 -18.63 -1.74 -9.46
CA ALA F 124 -17.68 -0.68 -9.14
C ALA F 124 -18.24 0.70 -9.41
N ASN F 125 -18.57 0.95 -10.67
CA ASN F 125 -19.11 2.24 -11.09
C ASN F 125 -20.25 2.76 -10.20
N PHE F 126 -21.22 1.92 -9.90
CA PHE F 126 -22.34 2.33 -9.05
C PHE F 126 -21.87 2.67 -7.64
N THR F 127 -21.17 1.73 -7.01
CA THR F 127 -20.66 1.92 -5.66
C THR F 127 -19.80 3.17 -5.58
N ARG F 128 -19.08 3.46 -6.65
CA ARG F 128 -18.23 4.64 -6.69
C ARG F 128 -19.07 5.92 -6.61
N GLU F 129 -20.16 5.95 -7.36
CA GLU F 129 -21.03 7.12 -7.38
C GLU F 129 -21.62 7.46 -6.03
N LEU F 130 -22.17 6.46 -5.34
CA LEU F 130 -22.75 6.71 -4.03
C LEU F 130 -21.68 7.23 -3.09
N PHE F 131 -20.44 6.80 -3.32
CA PHE F 131 -19.34 7.24 -2.48
C PHE F 131 -19.09 8.73 -2.69
N TYR F 132 -19.08 9.17 -3.94
CA TYR F 132 -18.86 10.58 -4.24
C TYR F 132 -20.05 11.41 -3.81
N LYS F 133 -21.25 10.92 -4.11
CA LYS F 133 -22.47 11.63 -3.74
C LYS F 133 -22.38 12.07 -2.29
N LEU F 134 -21.82 11.22 -1.44
CA LEU F 134 -21.71 11.52 -0.03
C LEU F 134 -20.40 12.16 0.42
N PHE F 135 -19.30 11.83 -0.26
CA PHE F 135 -18.00 12.35 0.15
C PHE F 135 -17.17 13.18 -0.81
N LYS F 136 -17.49 13.13 -2.10
CA LYS F 136 -16.69 13.89 -3.06
C LYS F 136 -16.38 15.33 -2.64
N GLU F 137 -17.36 16.00 -2.05
CA GLU F 137 -17.19 17.39 -1.62
C GLU F 137 -16.03 17.58 -0.65
N ASP F 138 -16.07 16.85 0.46
CA ASP F 138 -15.02 16.97 1.47
C ASP F 138 -13.65 16.61 0.94
N ILE F 139 -13.61 15.78 -0.09
CA ILE F 139 -12.35 15.36 -0.70
C ILE F 139 -11.78 16.51 -1.53
N LEU F 140 -12.62 17.10 -2.36
CA LEU F 140 -12.17 18.21 -3.20
C LEU F 140 -11.75 19.38 -2.32
N SER F 141 -12.36 19.48 -1.14
CA SER F 141 -12.03 20.55 -0.22
C SER F 141 -10.66 20.26 0.38
N ALA F 142 -10.47 19.02 0.82
CA ALA F 142 -9.20 18.61 1.41
C ALA F 142 -8.06 18.89 0.44
N ILE F 143 -8.26 18.50 -0.82
CA ILE F 143 -7.26 18.70 -1.86
C ILE F 143 -7.01 20.18 -2.09
N LYS F 144 -8.08 20.97 -2.08
CA LYS F 144 -7.94 22.40 -2.25
C LYS F 144 -7.09 22.95 -1.10
N GLU F 145 -7.50 22.63 0.13
CA GLU F 145 -6.81 23.14 1.34
C GLU F 145 -5.37 22.63 1.43
N GLY F 146 -5.09 21.56 0.69
CA GLY F 146 -3.75 20.99 0.69
C GLY F 146 -3.43 20.24 1.95
N ARG F 147 -4.46 19.69 2.60
CA ARG F 147 -4.26 18.96 3.85
C ARG F 147 -3.21 17.87 3.65
N VAL F 148 -2.29 17.76 4.60
CA VAL F 148 -1.24 16.76 4.54
C VAL F 148 -0.96 16.17 5.92
N LYS F 149 -0.33 15.01 5.96
CA LYS F 149 -0.02 14.35 7.21
C LYS F 149 1.14 15.04 7.89
N LYS F 150 0.92 15.46 9.13
CA LYS F 150 1.93 16.14 9.94
C LYS F 150 3.06 15.14 10.14
N ASP F 151 4.31 15.58 10.01
CA ASP F 151 5.43 14.65 10.18
C ASP F 151 5.60 14.20 11.63
N TYR F 152 6.31 13.09 11.80
CA TYR F 152 6.54 12.51 13.11
C TYR F 152 7.25 13.43 14.08
N LYS F 153 8.30 14.11 13.63
CA LYS F 153 9.02 15.02 14.50
C LYS F 153 8.11 16.05 15.14
N THR F 154 7.17 16.57 14.35
CA THR F 154 6.22 17.57 14.83
C THR F 154 5.20 16.96 15.78
N ILE F 155 4.76 15.74 15.46
CA ILE F 155 3.79 15.03 16.27
C ILE F 155 4.37 14.73 17.65
N LEU F 156 5.59 14.20 17.66
CA LEU F 156 6.28 13.85 18.90
C LEU F 156 6.41 15.06 19.82
N GLN F 157 6.74 16.20 19.22
CA GLN F 157 6.90 17.45 19.94
C GLN F 157 5.62 17.90 20.62
N GLU F 158 4.51 17.85 19.89
CA GLU F 158 3.21 18.24 20.41
C GLU F 158 2.74 17.28 21.50
N ILE F 159 3.13 16.01 21.36
CA ILE F 159 2.76 15.00 22.36
C ILE F 159 3.52 15.23 23.66
N THR F 160 4.85 15.28 23.57
CA THR F 160 5.68 15.50 24.74
C THR F 160 5.44 16.84 25.41
N GLN F 161 5.07 17.84 24.62
CA GLN F 161 4.79 19.17 25.17
C GLN F 161 3.43 19.19 25.86
N LYS F 162 2.50 18.41 25.34
CA LYS F 162 1.17 18.35 25.91
C LYS F 162 1.28 17.77 27.30
N ARG F 163 2.01 16.67 27.41
CA ARG F 163 2.19 15.96 28.67
C ARG F 163 3.15 16.62 29.66
N TRP F 164 4.44 16.64 29.32
CA TRP F 164 5.45 17.19 30.19
C TRP F 164 5.97 18.59 29.90
N LYS F 165 5.30 19.34 29.03
CA LYS F 165 5.77 20.69 28.70
C LYS F 165 7.26 20.69 28.35
N GLU F 166 7.73 19.63 27.70
CA GLU F 166 9.14 19.52 27.32
C GLU F 166 9.28 18.95 25.91
N ARG F 167 10.34 19.35 25.22
CA ARG F 167 10.58 18.87 23.87
C ARG F 167 11.58 17.72 23.89
N PRO F 168 11.68 16.97 22.79
CA PRO F 168 12.62 15.85 22.75
C PRO F 168 14.04 16.37 22.51
N GLU F 169 15.02 15.48 22.59
CA GLU F 169 16.40 15.84 22.30
C GLU F 169 17.01 14.75 21.44
N TYR F 170 17.42 15.15 20.24
CA TYR F 170 17.99 14.22 19.26
C TYR F 170 19.52 14.16 19.23
N ARG F 171 20.10 13.47 20.21
CA ARG F 171 21.55 13.31 20.31
C ARG F 171 22.10 12.49 19.13
N LEU F 172 23.25 12.89 18.61
CA LEU F 172 23.86 12.15 17.51
C LEU F 172 24.81 11.14 18.11
N ILE F 173 24.72 9.89 17.67
CA ILE F 173 25.58 8.86 18.23
C ILE F 173 26.58 8.25 17.25
N SER F 174 26.28 8.27 15.94
CA SER F 174 27.21 7.69 14.98
C SER F 174 26.95 7.92 13.50
N VAL F 175 27.94 7.53 12.70
CA VAL F 175 27.90 7.62 11.24
C VAL F 175 28.68 6.41 10.72
N GLU F 176 28.08 5.66 9.79
CA GLU F 176 28.73 4.47 9.23
C GLU F 176 29.24 4.65 7.81
N GLY F 177 28.38 4.38 6.84
CA GLY F 177 28.74 4.49 5.44
C GLY F 177 29.62 5.67 5.08
N PRO F 178 30.47 5.51 4.05
CA PRO F 178 31.38 6.56 3.57
C PRO F 178 30.67 7.74 2.92
N HIS F 179 31.42 8.81 2.67
CA HIS F 179 30.88 10.02 2.07
C HIS F 179 29.93 9.74 0.90
N HIS F 180 30.18 8.63 0.20
CA HIS F 180 29.37 8.23 -0.94
C HIS F 180 27.95 7.86 -0.50
N LYS F 181 27.87 6.92 0.43
CA LYS F 181 26.59 6.46 0.97
C LYS F 181 26.66 6.46 2.49
N LYS F 182 26.34 7.60 3.11
CA LYS F 182 26.37 7.73 4.56
C LYS F 182 25.12 7.21 5.25
N LYS F 183 25.27 6.87 6.53
CA LYS F 183 24.18 6.35 7.34
C LYS F 183 24.27 6.93 8.75
N PHE F 184 23.24 7.68 9.14
CA PHE F 184 23.21 8.31 10.45
C PHE F 184 22.42 7.51 11.48
N ILE F 185 22.78 7.69 12.74
CA ILE F 185 22.10 7.01 13.84
C ILE F 185 21.92 7.98 14.99
N VAL F 186 20.72 8.51 15.10
CA VAL F 186 20.40 9.48 16.15
C VAL F 186 19.53 8.86 17.24
N GLU F 187 19.58 9.45 18.42
CA GLU F 187 18.81 8.98 19.56
C GLU F 187 17.75 10.02 19.96
N ALA F 188 16.49 9.71 19.70
CA ALA F 188 15.40 10.60 20.09
C ALA F 188 15.20 10.31 21.56
N LYS F 189 14.95 11.35 22.36
CA LYS F 189 14.77 11.14 23.79
C LYS F 189 13.87 12.16 24.48
N ILE F 190 13.04 11.64 25.38
CA ILE F 190 12.14 12.46 26.18
C ILE F 190 12.18 11.78 27.55
N LYS F 191 12.30 12.56 28.62
CA LYS F 191 12.40 11.98 29.95
C LYS F 191 13.44 10.86 29.83
N GLU F 192 13.07 9.65 30.23
CA GLU F 192 14.01 8.54 30.15
C GLU F 192 13.70 7.48 29.10
N TYR F 193 12.94 7.89 28.08
CA TYR F 193 12.58 7.01 26.98
C TYR F 193 13.49 7.35 25.81
N ARG F 194 14.04 6.33 25.16
CA ARG F 194 14.93 6.56 24.04
C ARG F 194 14.75 5.52 22.94
N THR F 195 14.77 5.99 21.70
CA THR F 195 14.64 5.12 20.56
C THR F 195 15.78 5.47 19.63
N LEU F 196 15.98 4.67 18.60
CA LEU F 196 17.07 4.94 17.66
C LEU F 196 16.51 5.04 16.24
N GLY F 197 17.10 5.96 15.47
CA GLY F 197 16.67 6.16 14.10
C GLY F 197 17.88 6.14 13.19
N GLU F 198 17.71 5.62 11.99
CA GLU F 198 18.80 5.52 11.02
C GLU F 198 18.31 5.98 9.65
N GLY F 199 19.18 6.67 8.91
CA GLY F 199 18.79 7.14 7.58
C GLY F 199 19.89 7.86 6.83
N LYS F 200 19.57 8.31 5.62
CA LYS F 200 20.53 9.02 4.77
C LYS F 200 21.01 10.33 5.38
N SER F 201 20.06 11.20 5.70
CA SER F 201 20.38 12.49 6.29
C SER F 201 20.00 12.57 7.76
N LYS F 202 20.56 13.57 8.44
CA LYS F 202 20.30 13.78 9.86
C LYS F 202 18.79 13.88 10.12
N LYS F 203 18.13 14.77 9.37
CA LYS F 203 16.69 14.95 9.53
C LYS F 203 15.94 13.64 9.35
N GLU F 204 16.28 12.91 8.29
CA GLU F 204 15.63 11.63 8.02
C GLU F 204 15.70 10.71 9.23
N ALA F 205 16.89 10.48 9.75
CA ALA F 205 17.07 9.61 10.91
C ALA F 205 16.18 10.05 12.06
N GLU F 206 16.24 11.35 12.37
CA GLU F 206 15.45 11.91 13.45
C GLU F 206 13.98 11.51 13.31
N GLN F 207 13.44 11.64 12.11
CA GLN F 207 12.06 11.28 11.86
C GLN F 207 11.82 9.83 12.27
N ARG F 208 12.74 8.95 11.87
CA ARG F 208 12.65 7.53 12.20
C ARG F 208 12.52 7.37 13.71
N ALA F 209 13.47 7.96 14.43
CA ALA F 209 13.51 7.91 15.89
C ALA F 209 12.25 8.49 16.51
N ALA F 210 11.80 9.62 15.97
CA ALA F 210 10.59 10.26 16.50
C ALA F 210 9.40 9.32 16.35
N GLU F 211 9.31 8.63 15.22
CA GLU F 211 8.20 7.72 14.99
C GLU F 211 8.19 6.59 16.01
N GLU F 212 9.33 5.92 16.15
CA GLU F 212 9.45 4.81 17.09
C GLU F 212 9.21 5.28 18.52
N LEU F 213 9.65 6.48 18.84
CA LEU F 213 9.47 7.03 20.19
C LEU F 213 8.00 7.34 20.46
N ILE F 214 7.25 7.60 19.40
CA ILE F 214 5.84 7.90 19.53
C ILE F 214 5.15 6.61 19.94
N LYS F 215 5.51 5.51 19.30
CA LYS F 215 4.94 4.21 19.61
C LYS F 215 5.21 3.95 21.09
N LEU F 216 6.47 4.02 21.46
CA LEU F 216 6.88 3.78 22.84
C LEU F 216 6.10 4.59 23.86
N LEU F 217 5.55 5.73 23.43
CA LEU F 217 4.80 6.60 24.34
C LEU F 217 3.30 6.37 24.32
N GLU F 218 2.83 5.51 23.43
CA GLU F 218 1.40 5.24 23.34
C GLU F 218 0.95 4.29 24.43
N GLU F 219 1.82 3.36 24.78
CA GLU F 219 1.53 2.39 25.83
C GLU F 219 1.86 2.94 27.21
N SER F 220 2.64 4.01 27.25
CA SER F 220 3.01 4.64 28.51
C SER F 220 2.32 5.99 28.65
#